data_5FC8
#
_entry.id   5FC8
#
_cell.length_a   78.940
_cell.length_b   89.880
_cell.length_c   100.370
_cell.angle_alpha   90.00
_cell.angle_beta   90.00
_cell.angle_gamma   90.00
#
_symmetry.space_group_name_H-M   'P 21 21 21'
#
loop_
_entity.id
_entity.type
_entity.pdbx_description
1 polymer 'Nonstructural protein 5'
2 polymer 'Importin subunit alpha-1'
3 water water
#
loop_
_entity_poly.entity_id
_entity_poly.type
_entity_poly.pdbx_seq_one_letter_code
_entity_poly.pdbx_strand_id
1 'polypeptide(L)' TAIQQVRSLIGNEEFLDYMPSMKRFRKEEESEGAIW C
2 'polypeptide(L)'
;MHHHHHHSSGLVPRGSGMLETAAALFERNHMDSPDLGTDDDDLAMADIGSNQGTVNWSVEDIVKGINSNNLESQLQATQA
ARKLLSREKQPPIDNIIRAGLIPKFVSFLGKTDCSPIQFESAWALTNIASGTSEQTKAVVDGGAIPAFISLLASPHAHIS
EQAVWALGNIAGDGSAFRDLVIKHGAIDPLLALLAVPDLSTLACGYLRNLTWTLSNLCRNKNPAPPLDAVEQILPTLVRL
LHHNDPEVLADSCWAISYLTDGPNERIEMVVKKGVVPQLVKLLGATELPIVTPALRAIGNIVTGTDEQTQKVIDAGALAV
FPSLLTNPKTNIQKEATWTMSNITAGRQDQIQQVVNHGLVPFLVGVLSKADFKTQKEAAWAITNYTSGGTVEQIVYLVHC
GIIEPLMNLLSAKDTKIIQVILDAISNIFQAAEKLGETEKLSIMIEECGGLDKIEALQRHENESVYKASLNLIEKYFSVE
EEEDQNVVPETTSEGFAFQVQDGAPGTFNF
;
E
#
# COMPACT_ATOMS: atom_id res chain seq x y z
N ASP A 17 -2.25 -2.31 -7.95
CA ASP A 17 -1.12 -2.87 -8.68
C ASP A 17 -0.76 -4.25 -8.12
N TYR A 18 0.08 -4.25 -7.11
CA TYR A 18 0.43 -5.46 -6.36
C TYR A 18 -0.31 -5.46 -5.01
N MET A 19 -1.13 -4.43 -4.81
CA MET A 19 -1.93 -4.24 -3.60
C MET A 19 -3.22 -5.11 -3.59
N PRO A 20 -3.85 -5.28 -2.42
CA PRO A 20 -5.12 -6.01 -2.44
C PRO A 20 -6.11 -5.25 -3.28
N SER A 21 -7.09 -5.96 -3.83
CA SER A 21 -8.08 -5.26 -4.63
C SER A 21 -8.99 -4.53 -3.66
N MET A 22 -9.52 -3.41 -4.12
CA MET A 22 -10.44 -2.62 -3.32
C MET A 22 -11.78 -3.31 -3.16
N LYS A 23 -12.19 -4.00 -4.21
CA LYS A 23 -13.45 -4.73 -4.23
C LYS A 23 -13.23 -6.11 -4.83
N ARG A 24 -14.02 -7.09 -4.38
CA ARG A 24 -13.87 -8.48 -4.82
C ARG A 24 -15.21 -9.06 -5.27
N PHE A 25 -15.17 -9.70 -6.43
CA PHE A 25 -16.30 -10.33 -7.08
C PHE A 25 -16.29 -11.80 -6.66
N ARG A 26 -17.40 -12.31 -6.15
CA ARG A 26 -17.42 -13.73 -5.84
C ARG A 26 -17.86 -14.51 -7.07
N LYS A 27 -16.91 -15.17 -7.71
CA LYS A 27 -17.19 -15.73 -9.03
C LYS A 27 -17.88 -17.08 -8.96
N GLU A 28 -18.50 -17.41 -10.09
CA GLU A 28 -19.06 -18.71 -10.39
C GLU A 28 -18.20 -19.84 -9.85
N GLU A 29 -18.79 -20.66 -9.01
CA GLU A 29 -18.08 -21.72 -8.31
C GLU A 29 -18.30 -23.06 -9.01
N GLN B 52 -29.77 -28.49 -11.07
CA GLN B 52 -30.39 -27.25 -10.61
C GLN B 52 -31.04 -26.50 -11.77
N GLY B 53 -32.25 -26.01 -11.54
CA GLY B 53 -33.02 -25.35 -12.58
C GLY B 53 -33.02 -23.84 -12.47
N THR B 54 -31.98 -23.29 -11.85
CA THR B 54 -31.88 -21.86 -11.65
C THR B 54 -30.74 -21.29 -12.51
N VAL B 55 -30.42 -22.02 -13.58
CA VAL B 55 -29.32 -21.63 -14.45
C VAL B 55 -29.80 -20.90 -15.71
N ASN B 56 -29.24 -19.72 -15.97
CA ASN B 56 -29.58 -18.91 -17.16
C ASN B 56 -31.02 -18.41 -17.25
N TRP B 57 -31.54 -17.91 -16.14
CA TRP B 57 -32.83 -17.23 -16.15
C TRP B 57 -32.70 -15.87 -16.80
N SER B 58 -33.75 -15.40 -17.43
CA SER B 58 -33.79 -14.02 -17.89
C SER B 58 -34.08 -13.15 -16.66
N VAL B 59 -33.74 -11.86 -16.74
CA VAL B 59 -34.02 -10.94 -15.66
C VAL B 59 -35.52 -10.84 -15.43
N GLU B 60 -36.29 -10.95 -16.50
CA GLU B 60 -37.73 -10.85 -16.35
C GLU B 60 -38.31 -12.01 -15.49
N ASP B 61 -37.77 -13.20 -15.67
CA ASP B 61 -38.19 -14.36 -14.90
C ASP B 61 -37.79 -14.22 -13.44
N ILE B 62 -36.60 -13.66 -13.23
CA ILE B 62 -36.12 -13.42 -11.88
C ILE B 62 -37.08 -12.46 -11.20
N VAL B 63 -37.43 -11.37 -11.89
CA VAL B 63 -38.38 -10.42 -11.34
C VAL B 63 -39.75 -11.05 -11.02
N LYS B 64 -40.24 -11.88 -11.93
CA LYS B 64 -41.52 -12.55 -11.75
C LYS B 64 -41.49 -13.40 -10.48
N GLY B 65 -40.41 -14.15 -10.31
CA GLY B 65 -40.28 -15.03 -9.16
C GLY B 65 -40.13 -14.28 -7.85
N ILE B 66 -39.38 -13.18 -7.85
CA ILE B 66 -39.14 -12.42 -6.61
C ILE B 66 -40.42 -11.71 -6.18
N ASN B 67 -41.22 -11.29 -7.14
CA ASN B 67 -42.50 -10.62 -6.90
C ASN B 67 -43.70 -11.57 -6.66
N SER B 68 -43.48 -12.88 -6.71
CA SER B 68 -44.55 -13.88 -6.47
C SER B 68 -45.18 -14.15 -5.13
N ASN B 69 -44.69 -13.54 -4.07
CA ASN B 69 -45.21 -13.74 -2.71
C ASN B 69 -45.14 -15.20 -2.20
N ASN B 70 -44.23 -15.99 -2.78
CA ASN B 70 -44.12 -17.43 -2.55
C ASN B 70 -42.67 -17.45 -2.11
N LEU B 71 -42.43 -17.71 -0.82
CA LEU B 71 -41.07 -17.61 -0.33
C LEU B 71 -40.13 -18.55 -1.09
N GLU B 72 -40.63 -19.73 -1.44
CA GLU B 72 -39.80 -20.69 -2.16
C GLU B 72 -39.53 -20.28 -3.60
N SER B 73 -40.56 -19.74 -4.27
CA SER B 73 -40.38 -19.17 -5.60
C SER B 73 -39.39 -18.00 -5.54
N GLN B 74 -39.48 -17.23 -4.46
CA GLN B 74 -38.57 -16.10 -4.30
C GLN B 74 -37.16 -16.59 -4.10
N LEU B 75 -37.00 -17.67 -3.33
CA LEU B 75 -35.69 -18.27 -3.14
C LEU B 75 -35.08 -18.75 -4.45
N GLN B 76 -35.88 -19.47 -5.25
CA GLN B 76 -35.37 -19.98 -6.52
C GLN B 76 -34.96 -18.82 -7.43
N ALA B 77 -35.80 -17.79 -7.47
CA ALA B 77 -35.51 -16.64 -8.31
C ALA B 77 -34.24 -15.89 -7.81
N THR B 78 -34.07 -15.79 -6.49
CA THR B 78 -32.90 -15.11 -5.94
C THR B 78 -31.63 -15.91 -6.25
N GLN B 79 -31.72 -17.23 -6.16
CA GLN B 79 -30.57 -18.05 -6.53
C GLN B 79 -30.22 -17.89 -8.00
N ALA B 80 -31.25 -17.85 -8.84
CA ALA B 80 -31.06 -17.60 -10.27
C ALA B 80 -30.34 -16.26 -10.49
N ALA B 81 -30.72 -15.24 -9.71
CA ALA B 81 -30.06 -13.93 -9.79
C ALA B 81 -28.59 -14.06 -9.38
N ARG B 82 -28.32 -14.80 -8.30
CA ARG B 82 -26.96 -15.02 -7.85
C ARG B 82 -26.12 -15.66 -8.95
N LYS B 83 -26.69 -16.65 -9.63
CA LYS B 83 -25.94 -17.30 -10.68
C LYS B 83 -25.69 -16.35 -11.85
N LEU B 84 -26.67 -15.56 -12.26
CA LEU B 84 -26.42 -14.53 -13.29
C LEU B 84 -25.29 -13.58 -12.88
N LEU B 85 -25.35 -13.14 -11.63
CA LEU B 85 -24.45 -12.13 -11.09
C LEU B 85 -23.05 -12.65 -10.82
N SER B 86 -22.89 -13.97 -10.77
CA SER B 86 -21.55 -14.54 -10.49
C SER B 86 -20.84 -15.08 -11.74
N ARG B 87 -21.42 -14.87 -12.92
CA ARG B 87 -20.76 -15.29 -14.15
C ARG B 87 -19.66 -14.30 -14.55
N GLU B 88 -18.53 -14.84 -14.99
CA GLU B 88 -17.32 -14.02 -15.17
C GLU B 88 -17.46 -13.03 -16.33
N LYS B 89 -18.18 -13.43 -17.37
CA LYS B 89 -18.36 -12.56 -18.54
C LYS B 89 -19.61 -11.68 -18.42
N GLN B 90 -19.37 -10.39 -18.27
CA GLN B 90 -20.41 -9.35 -18.21
C GLN B 90 -21.65 -9.76 -17.44
N PRO B 91 -21.52 -9.97 -16.11
CA PRO B 91 -22.73 -10.17 -15.31
C PRO B 91 -23.64 -8.95 -15.43
N PRO B 92 -24.95 -9.18 -15.55
CA PRO B 92 -25.86 -8.07 -15.79
C PRO B 92 -26.17 -7.24 -14.55
N ILE B 93 -25.17 -6.61 -13.95
CA ILE B 93 -25.41 -5.83 -12.74
C ILE B 93 -26.40 -4.68 -12.95
N ASP B 94 -26.18 -3.87 -13.98
CA ASP B 94 -27.06 -2.72 -14.24
C ASP B 94 -28.48 -3.17 -14.55
N ASN B 95 -28.64 -4.23 -15.33
CA ASN B 95 -29.99 -4.75 -15.59
C ASN B 95 -30.70 -5.18 -14.30
N ILE B 96 -29.96 -5.83 -13.40
CA ILE B 96 -30.54 -6.21 -12.10
C ILE B 96 -30.93 -4.98 -11.29
N ILE B 97 -30.05 -3.98 -11.25
CA ILE B 97 -30.37 -2.75 -10.53
C ILE B 97 -31.60 -2.07 -11.13
N ARG B 98 -31.62 -1.93 -12.46
CA ARG B 98 -32.73 -1.27 -13.16
C ARG B 98 -34.06 -1.99 -12.92
N ALA B 99 -34.02 -3.31 -12.75
CA ALA B 99 -35.24 -4.07 -12.53
C ALA B 99 -35.78 -3.79 -11.13
N GLY B 100 -35.02 -3.05 -10.32
CA GLY B 100 -35.49 -2.68 -9.00
C GLY B 100 -35.37 -3.78 -7.95
N LEU B 101 -34.43 -4.71 -8.13
CA LEU B 101 -34.31 -5.88 -7.26
C LEU B 101 -33.56 -5.68 -5.94
N ILE B 102 -32.78 -4.60 -5.85
CA ILE B 102 -31.94 -4.40 -4.65
C ILE B 102 -32.78 -4.35 -3.37
N PRO B 103 -33.86 -3.54 -3.34
CA PRO B 103 -34.65 -3.54 -2.09
C PRO B 103 -35.17 -4.93 -1.67
N LYS B 104 -35.53 -5.76 -2.63
CA LYS B 104 -36.00 -7.10 -2.36
C LYS B 104 -34.87 -7.94 -1.76
N PHE B 105 -33.70 -7.88 -2.38
CA PHE B 105 -32.52 -8.60 -1.85
C PHE B 105 -32.22 -8.20 -0.42
N VAL B 106 -32.24 -6.91 -0.19
CA VAL B 106 -31.96 -6.40 1.14
C VAL B 106 -32.99 -6.91 2.13
N SER B 107 -34.26 -6.92 1.72
CA SER B 107 -35.32 -7.44 2.57
C SER B 107 -35.04 -8.92 2.90
N PHE B 108 -34.56 -9.66 1.91
CA PHE B 108 -34.27 -11.08 2.08
C PHE B 108 -33.13 -11.32 3.06
N LEU B 109 -32.24 -10.35 3.20
CA LEU B 109 -31.16 -10.49 4.17
C LEU B 109 -31.70 -10.69 5.59
N GLY B 110 -32.91 -10.20 5.84
CA GLY B 110 -33.49 -10.26 7.18
C GLY B 110 -34.33 -11.51 7.46
N LYS B 111 -34.43 -12.42 6.48
CA LYS B 111 -35.27 -13.61 6.66
C LYS B 111 -34.58 -14.72 7.43
N THR B 112 -34.52 -14.53 8.75
CA THR B 112 -33.84 -15.43 9.64
C THR B 112 -34.36 -16.87 9.50
N ASP B 113 -35.64 -17.00 9.16
CA ASP B 113 -36.30 -18.30 9.03
C ASP B 113 -35.96 -19.01 7.71
N CYS B 114 -35.35 -18.28 6.78
CA CYS B 114 -34.95 -18.86 5.51
C CYS B 114 -33.48 -18.55 5.21
N SER B 115 -32.56 -19.23 5.90
CA SER B 115 -31.14 -18.94 5.72
C SER B 115 -30.67 -19.07 4.24
N PRO B 116 -31.21 -20.03 3.46
CA PRO B 116 -30.76 -20.05 2.08
C PRO B 116 -31.00 -18.73 1.30
N ILE B 117 -32.14 -18.06 1.52
CA ILE B 117 -32.36 -16.83 0.79
C ILE B 117 -31.53 -15.67 1.33
N GLN B 118 -31.17 -15.74 2.62
CA GLN B 118 -30.23 -14.77 3.19
C GLN B 118 -28.92 -14.89 2.45
N PHE B 119 -28.47 -16.12 2.26
CA PHE B 119 -27.19 -16.38 1.60
C PHE B 119 -27.20 -15.96 0.14
N GLU B 120 -28.20 -16.41 -0.59
CA GLU B 120 -28.29 -16.07 -2.00
C GLU B 120 -28.35 -14.56 -2.24
N SER B 121 -29.19 -13.88 -1.48
CA SER B 121 -29.27 -12.42 -1.62
C SER B 121 -27.94 -11.79 -1.21
N ALA B 122 -27.27 -12.33 -0.20
CA ALA B 122 -26.00 -11.77 0.24
C ALA B 122 -24.94 -11.84 -0.85
N TRP B 123 -24.90 -12.98 -1.54
CA TRP B 123 -23.96 -13.19 -2.63
C TRP B 123 -24.31 -12.26 -3.81
N ALA B 124 -25.60 -12.20 -4.18
CA ALA B 124 -26.01 -11.31 -5.25
C ALA B 124 -25.61 -9.84 -4.97
N LEU B 125 -25.91 -9.39 -3.76
CA LEU B 125 -25.59 -8.02 -3.39
C LEU B 125 -24.08 -7.80 -3.29
N THR B 126 -23.36 -8.82 -2.83
CA THR B 126 -21.92 -8.70 -2.77
C THR B 126 -21.39 -8.38 -4.16
N ASN B 127 -21.91 -9.06 -5.18
CA ASN B 127 -21.36 -8.85 -6.51
C ASN B 127 -21.82 -7.58 -7.18
N ILE B 128 -23.01 -7.12 -6.83
CA ILE B 128 -23.40 -5.80 -7.28
C ILE B 128 -22.48 -4.79 -6.61
N ALA B 129 -22.25 -4.93 -5.31
CA ALA B 129 -21.41 -4.00 -4.59
C ALA B 129 -19.94 -4.06 -5.01
N SER B 130 -19.52 -5.13 -5.71
CA SER B 130 -18.13 -5.25 -6.15
C SER B 130 -17.85 -4.43 -7.39
N GLY B 131 -18.89 -3.80 -7.95
CA GLY B 131 -18.78 -3.07 -9.21
C GLY B 131 -18.32 -1.63 -9.09
N THR B 132 -18.87 -0.77 -9.95
CA THR B 132 -18.51 0.64 -9.93
C THR B 132 -19.04 1.31 -8.67
N SER B 133 -18.55 2.51 -8.40
CA SER B 133 -19.03 3.29 -7.28
C SER B 133 -20.53 3.47 -7.34
N GLU B 134 -21.05 3.70 -8.54
CA GLU B 134 -22.49 3.87 -8.68
C GLU B 134 -23.27 2.59 -8.30
N GLN B 135 -22.69 1.44 -8.61
CA GLN B 135 -23.33 0.15 -8.31
C GLN B 135 -23.26 -0.13 -6.78
N THR B 136 -22.10 0.16 -6.20
CA THR B 136 -21.98 0.03 -4.74
C THR B 136 -22.95 0.99 -4.07
N LYS B 137 -23.05 2.20 -4.61
CA LYS B 137 -23.98 3.17 -4.06
C LYS B 137 -25.42 2.64 -4.13
N ALA B 138 -25.78 1.94 -5.21
CA ALA B 138 -27.16 1.40 -5.28
C ALA B 138 -27.39 0.42 -4.10
N VAL B 139 -26.36 -0.37 -3.80
CA VAL B 139 -26.49 -1.33 -2.69
C VAL B 139 -26.64 -0.60 -1.36
N VAL B 140 -25.80 0.38 -1.11
CA VAL B 140 -25.93 1.18 0.11
C VAL B 140 -27.28 1.91 0.18
N ASP B 141 -27.74 2.48 -0.93
CA ASP B 141 -28.99 3.22 -0.95
C ASP B 141 -30.17 2.32 -0.64
N GLY B 142 -30.01 1.01 -0.86
CA GLY B 142 -31.09 0.07 -0.54
C GLY B 142 -31.16 -0.34 0.93
N GLY B 143 -30.29 0.23 1.77
CA GLY B 143 -30.30 -0.07 3.19
C GLY B 143 -29.46 -1.30 3.56
N ALA B 144 -28.56 -1.68 2.66
CA ALA B 144 -27.79 -2.91 2.89
C ALA B 144 -26.83 -2.89 4.08
N ILE B 145 -26.27 -1.73 4.42
CA ILE B 145 -25.23 -1.72 5.46
C ILE B 145 -25.72 -2.33 6.81
N PRO B 146 -26.80 -1.78 7.42
CA PRO B 146 -27.21 -2.40 8.70
C PRO B 146 -27.67 -3.85 8.54
N ALA B 147 -28.27 -4.20 7.40
CA ALA B 147 -28.75 -5.57 7.18
C ALA B 147 -27.55 -6.55 7.19
N PHE B 148 -26.47 -6.14 6.52
CA PHE B 148 -25.27 -6.98 6.51
C PHE B 148 -24.62 -7.04 7.90
N ILE B 149 -24.62 -5.90 8.58
CA ILE B 149 -24.07 -5.89 9.92
C ILE B 149 -24.88 -6.85 10.81
N SER B 150 -26.20 -6.87 10.63
CA SER B 150 -27.02 -7.82 11.41
C SER B 150 -26.67 -9.26 11.03
N LEU B 151 -26.22 -9.48 9.80
CA LEU B 151 -25.93 -10.84 9.39
C LEU B 151 -24.59 -11.32 9.89
N LEU B 152 -23.77 -10.40 10.39
CA LEU B 152 -22.49 -10.84 10.95
C LEU B 152 -22.73 -11.86 12.08
N ALA B 153 -23.87 -11.78 12.78
CA ALA B 153 -24.12 -12.69 13.90
C ALA B 153 -24.85 -13.98 13.50
N SER B 154 -24.99 -14.25 12.21
CA SER B 154 -25.65 -15.46 11.76
C SER B 154 -24.95 -16.69 12.34
N PRO B 155 -25.72 -17.70 12.75
CA PRO B 155 -25.14 -18.98 13.20
C PRO B 155 -24.53 -19.77 12.06
N HIS B 156 -24.81 -19.33 10.82
CA HIS B 156 -24.25 -19.96 9.62
C HIS B 156 -22.99 -19.28 9.13
N ALA B 157 -21.87 -19.99 9.24
CA ALA B 157 -20.58 -19.43 8.89
C ALA B 157 -20.53 -18.92 7.45
N HIS B 158 -21.15 -19.62 6.52
CA HIS B 158 -21.05 -19.20 5.13
C HIS B 158 -21.84 -17.89 4.90
N ILE B 159 -22.86 -17.66 5.72
CA ILE B 159 -23.64 -16.44 5.60
C ILE B 159 -22.93 -15.24 6.28
N SER B 160 -22.43 -15.42 7.50
CA SER B 160 -21.65 -14.38 8.16
C SER B 160 -20.44 -13.98 7.28
N GLU B 161 -19.78 -14.98 6.71
CA GLU B 161 -18.64 -14.75 5.83
C GLU B 161 -19.09 -13.92 4.62
N GLN B 162 -20.26 -14.25 4.07
CA GLN B 162 -20.72 -13.48 2.91
C GLN B 162 -20.99 -12.01 3.29
N ALA B 163 -21.49 -11.78 4.51
CA ALA B 163 -21.77 -10.44 4.98
C ALA B 163 -20.47 -9.67 5.22
N VAL B 164 -19.45 -10.36 5.73
CA VAL B 164 -18.11 -9.79 5.89
C VAL B 164 -17.59 -9.31 4.53
N TRP B 165 -17.73 -10.18 3.53
CA TRP B 165 -17.26 -9.89 2.17
C TRP B 165 -17.97 -8.64 1.62
N ALA B 166 -19.29 -8.64 1.72
CA ALA B 166 -20.08 -7.52 1.21
C ALA B 166 -19.70 -6.20 1.87
N LEU B 167 -19.50 -6.23 3.20
CA LEU B 167 -19.12 -5.00 3.92
C LEU B 167 -17.75 -4.54 3.48
N GLY B 168 -16.86 -5.48 3.20
CA GLY B 168 -15.55 -5.17 2.62
C GLY B 168 -15.66 -4.41 1.30
N ASN B 169 -16.51 -4.88 0.38
CA ASN B 169 -16.72 -4.16 -0.89
C ASN B 169 -17.26 -2.74 -0.71
N ILE B 170 -18.23 -2.63 0.18
CA ILE B 170 -18.81 -1.31 0.46
C ILE B 170 -17.76 -0.38 1.03
N ALA B 171 -17.06 -0.81 2.08
CA ALA B 171 -16.00 0.00 2.68
C ALA B 171 -14.90 0.29 1.66
N GLY B 172 -14.66 -0.67 0.76
CA GLY B 172 -13.59 -0.59 -0.22
C GLY B 172 -13.88 0.48 -1.28
N ASP B 173 -15.11 0.96 -1.29
CA ASP B 173 -15.42 1.99 -2.28
C ASP B 173 -14.69 3.33 -2.05
N GLY B 174 -14.43 3.70 -0.80
CA GLY B 174 -13.81 4.99 -0.56
C GLY B 174 -14.03 5.41 0.87
N SER B 175 -13.50 6.57 1.25
CA SER B 175 -13.54 7.05 2.63
C SER B 175 -14.95 7.22 3.18
N ALA B 176 -15.86 7.74 2.37
CA ALA B 176 -17.21 8.00 2.85
C ALA B 176 -18.00 6.71 3.22
N PHE B 177 -18.03 5.73 2.31
CA PHE B 177 -18.72 4.47 2.61
C PHE B 177 -17.97 3.70 3.73
N ARG B 178 -16.63 3.76 3.74
CA ARG B 178 -15.86 3.15 4.83
C ARG B 178 -16.35 3.70 6.18
N ASP B 179 -16.36 5.02 6.26
CA ASP B 179 -16.74 5.72 7.49
C ASP B 179 -18.22 5.49 7.83
N LEU B 180 -19.06 5.33 6.80
CA LEU B 180 -20.48 5.07 7.03
C LEU B 180 -20.70 3.66 7.60
N VAL B 181 -19.93 2.71 7.08
CA VAL B 181 -19.93 1.34 7.60
C VAL B 181 -19.51 1.34 9.08
N ILE B 182 -18.47 2.10 9.38
CA ILE B 182 -18.04 2.23 10.78
C ILE B 182 -19.13 2.86 11.66
N LYS B 183 -19.79 3.92 11.17
CA LYS B 183 -20.85 4.58 11.95
C LYS B 183 -22.04 3.64 12.23
N HIS B 184 -22.34 2.73 11.31
CA HIS B 184 -23.42 1.76 11.54
C HIS B 184 -22.98 0.66 12.54
N GLY B 185 -21.73 0.71 12.98
CA GLY B 185 -21.28 -0.19 14.04
C GLY B 185 -20.70 -1.51 13.56
N ALA B 186 -20.04 -1.53 12.41
CA ALA B 186 -19.55 -2.80 11.88
C ALA B 186 -18.36 -3.38 12.68
N ILE B 187 -17.54 -2.50 13.26
CA ILE B 187 -16.25 -2.95 13.83
C ILE B 187 -16.43 -3.95 14.97
N ASP B 188 -17.29 -3.66 15.95
CA ASP B 188 -17.48 -4.58 17.09
C ASP B 188 -17.80 -6.03 16.66
N PRO B 189 -18.87 -6.24 15.86
CA PRO B 189 -19.16 -7.63 15.47
C PRO B 189 -18.08 -8.25 14.59
N LEU B 190 -17.41 -7.43 13.78
CA LEU B 190 -16.33 -8.00 12.97
C LEU B 190 -15.21 -8.52 13.88
N LEU B 191 -14.79 -7.70 14.84
CA LEU B 191 -13.72 -8.07 15.77
C LEU B 191 -14.15 -9.28 16.60
N ALA B 192 -15.43 -9.32 16.93
CA ALA B 192 -16.00 -10.41 17.73
C ALA B 192 -15.80 -11.72 17.01
N LEU B 193 -15.89 -11.71 15.68
CA LEU B 193 -15.67 -12.96 14.93
C LEU B 193 -14.24 -13.52 15.07
N LEU B 194 -13.31 -12.64 15.40
CA LEU B 194 -11.92 -13.05 15.55
C LEU B 194 -11.49 -13.20 17.02
N ALA B 195 -12.44 -13.10 17.94
CA ALA B 195 -12.13 -13.22 19.36
C ALA B 195 -12.14 -14.68 19.77
N VAL B 196 -11.11 -15.39 19.33
CA VAL B 196 -10.92 -16.79 19.65
C VAL B 196 -9.51 -16.93 20.20
N PRO B 197 -9.27 -17.96 21.02
CA PRO B 197 -7.94 -18.15 21.61
C PRO B 197 -6.84 -18.35 20.57
N ASP B 198 -7.16 -19.01 19.48
CA ASP B 198 -6.18 -19.34 18.45
C ASP B 198 -6.78 -19.23 17.03
N LEU B 199 -6.27 -18.28 16.25
CA LEU B 199 -6.77 -18.03 14.89
C LEU B 199 -6.75 -19.30 14.03
N SER B 200 -5.88 -20.25 14.37
CA SER B 200 -5.71 -21.45 13.58
C SER B 200 -6.95 -22.32 13.62
N THR B 201 -7.88 -22.06 14.55
CA THR B 201 -9.08 -22.87 14.61
C THR B 201 -10.16 -22.37 13.63
N LEU B 202 -9.98 -21.17 13.09
CA LEU B 202 -10.96 -20.62 12.15
C LEU B 202 -10.73 -21.18 10.74
N ALA B 203 -11.80 -21.31 9.98
CA ALA B 203 -11.67 -21.72 8.58
C ALA B 203 -10.79 -20.71 7.84
N CYS B 204 -9.93 -21.23 6.98
CA CYS B 204 -8.94 -20.43 6.28
C CYS B 204 -9.55 -19.32 5.39
N GLY B 205 -10.52 -19.67 4.52
CA GLY B 205 -11.14 -18.69 3.64
C GLY B 205 -11.86 -17.61 4.43
N TYR B 206 -12.48 -18.04 5.51
CA TYR B 206 -13.21 -17.18 6.43
C TYR B 206 -12.27 -16.14 7.06
N LEU B 207 -11.15 -16.60 7.60
CA LEU B 207 -10.15 -15.71 8.20
C LEU B 207 -9.59 -14.74 7.18
N ARG B 208 -9.31 -15.24 5.99
CA ARG B 208 -8.79 -14.37 4.91
C ARG B 208 -9.81 -13.26 4.57
N ASN B 209 -11.09 -13.62 4.47
CA ASN B 209 -12.11 -12.62 4.20
C ASN B 209 -12.24 -11.58 5.31
N LEU B 210 -12.17 -12.02 6.56
CA LEU B 210 -12.21 -11.07 7.67
C LEU B 210 -11.01 -10.13 7.65
N THR B 211 -9.83 -10.70 7.39
CA THR B 211 -8.63 -9.88 7.35
C THR B 211 -8.72 -8.83 6.23
N TRP B 212 -9.15 -9.25 5.05
CA TRP B 212 -9.26 -8.34 3.92
C TRP B 212 -10.28 -7.21 4.20
N THR B 213 -11.45 -7.57 4.74
CA THR B 213 -12.46 -6.53 5.05
C THR B 213 -11.93 -5.55 6.12
N LEU B 214 -11.31 -6.08 7.16
CA LEU B 214 -10.68 -5.18 8.14
C LEU B 214 -9.64 -4.25 7.49
N SER B 215 -8.89 -4.80 6.53
CA SER B 215 -7.88 -3.99 5.84
C SER B 215 -8.58 -2.87 5.06
N ASN B 216 -9.77 -3.14 4.50
CA ASN B 216 -10.48 -2.03 3.84
C ASN B 216 -10.97 -1.00 4.85
N LEU B 217 -11.23 -1.41 6.09
CA LEU B 217 -11.59 -0.37 7.09
C LEU B 217 -10.39 0.48 7.47
N CYS B 218 -9.18 -0.01 7.19
CA CYS B 218 -7.99 0.78 7.43
C CYS B 218 -7.53 1.63 6.23
N ARG B 219 -8.07 1.31 5.06
CA ARG B 219 -7.64 1.86 3.78
C ARG B 219 -8.24 3.24 3.45
N ASN B 220 -7.53 4.01 2.62
CA ASN B 220 -7.98 5.27 2.00
C ASN B 220 -7.74 6.47 2.91
N LYS B 221 -7.59 7.63 2.29
CA LYS B 221 -7.38 8.88 3.03
C LYS B 221 -8.28 10.03 2.57
N ASN B 222 -8.02 11.22 3.10
CA ASN B 222 -8.88 12.38 2.85
C ASN B 222 -10.37 12.08 3.05
N PRO B 223 -10.76 11.70 4.27
CA PRO B 223 -9.86 11.57 5.43
C PRO B 223 -9.40 10.15 5.67
N ALA B 224 -8.39 10.03 6.52
CA ALA B 224 -7.95 8.74 7.01
C ALA B 224 -9.06 8.20 7.91
N PRO B 225 -9.02 6.90 8.23
CA PRO B 225 -10.12 6.38 9.08
C PRO B 225 -10.14 7.07 10.45
N PRO B 226 -11.28 7.04 11.14
CA PRO B 226 -11.39 7.67 12.46
C PRO B 226 -10.38 7.15 13.47
N LEU B 227 -9.72 8.02 14.23
CA LEU B 227 -8.71 7.55 15.18
C LEU B 227 -9.20 6.44 16.12
N ASP B 228 -10.40 6.56 16.69
CA ASP B 228 -10.92 5.55 17.63
C ASP B 228 -11.10 4.24 16.93
N ALA B 229 -11.51 4.29 15.66
CA ALA B 229 -11.64 3.06 14.88
C ALA B 229 -10.30 2.37 14.67
N VAL B 230 -9.26 3.16 14.35
CA VAL B 230 -7.94 2.58 14.17
C VAL B 230 -7.49 1.97 15.50
N GLU B 231 -7.70 2.68 16.61
CA GLU B 231 -7.29 2.14 17.91
C GLU B 231 -8.04 0.87 18.24
N GLN B 232 -9.32 0.81 17.88
CA GLN B 232 -10.13 -0.35 18.13
C GLN B 232 -9.65 -1.58 17.34
N ILE B 233 -9.29 -1.35 16.09
CA ILE B 233 -8.87 -2.41 15.19
C ILE B 233 -7.42 -2.90 15.44
N LEU B 234 -6.52 -2.02 15.85
CA LEU B 234 -5.09 -2.37 15.87
C LEU B 234 -4.69 -3.66 16.61
N PRO B 235 -5.22 -3.92 17.82
CA PRO B 235 -4.75 -5.16 18.47
C PRO B 235 -5.08 -6.47 17.71
N THR B 236 -6.23 -6.50 17.04
CA THR B 236 -6.61 -7.67 16.23
C THR B 236 -5.70 -7.74 15.04
N LEU B 237 -5.43 -6.57 14.47
CA LEU B 237 -4.52 -6.49 13.36
C LEU B 237 -3.12 -7.05 13.70
N VAL B 238 -2.59 -6.67 14.87
CA VAL B 238 -1.27 -7.13 15.32
C VAL B 238 -1.27 -8.68 15.47
N ARG B 239 -2.39 -9.18 15.97
CA ARG B 239 -2.54 -10.63 16.11
C ARG B 239 -2.50 -11.29 14.72
N LEU B 240 -3.22 -10.70 13.77
CA LEU B 240 -3.25 -11.26 12.39
C LEU B 240 -1.87 -11.21 11.75
N LEU B 241 -1.11 -10.18 12.11
CA LEU B 241 0.24 -9.97 11.59
C LEU B 241 1.20 -11.06 12.10
N HIS B 242 0.78 -11.75 13.14
CA HIS B 242 1.61 -12.85 13.65
C HIS B 242 1.04 -14.22 13.22
N HIS B 243 0.01 -14.22 12.37
CA HIS B 243 -0.58 -15.49 11.92
C HIS B 243 0.34 -16.17 10.92
N ASN B 244 0.06 -17.41 10.54
CA ASN B 244 1.02 -18.16 9.71
C ASN B 244 0.55 -18.31 8.24
N ASP B 245 -0.64 -17.85 7.94
CA ASP B 245 -1.15 -17.95 6.58
C ASP B 245 -0.63 -16.78 5.73
N PRO B 246 -0.01 -17.07 4.59
CA PRO B 246 0.58 -16.02 3.76
C PRO B 246 -0.40 -14.94 3.29
N GLU B 247 -1.62 -15.31 2.95
CA GLU B 247 -2.60 -14.30 2.53
C GLU B 247 -3.04 -13.39 3.68
N VAL B 248 -3.25 -13.97 4.85
CA VAL B 248 -3.58 -13.19 6.04
C VAL B 248 -2.42 -12.24 6.35
N LEU B 249 -1.18 -12.72 6.29
CA LEU B 249 -0.02 -11.88 6.51
C LEU B 249 0.06 -10.76 5.50
N ALA B 250 -0.16 -11.07 4.22
CA ALA B 250 -0.10 -10.04 3.21
C ALA B 250 -1.13 -8.93 3.45
N ASP B 251 -2.39 -9.31 3.69
CA ASP B 251 -3.42 -8.29 3.88
C ASP B 251 -3.30 -7.54 5.20
N SER B 252 -2.79 -8.21 6.25
CA SER B 252 -2.51 -7.55 7.53
C SER B 252 -1.44 -6.50 7.38
N CYS B 253 -0.35 -6.82 6.63
CA CYS B 253 0.63 -5.76 6.31
C CYS B 253 0.13 -4.67 5.47
N TRP B 254 -0.70 -4.97 4.46
CA TRP B 254 -1.28 -3.91 3.68
C TRP B 254 -2.02 -3.00 4.68
N ALA B 255 -2.86 -3.56 5.55
CA ALA B 255 -3.58 -2.72 6.52
C ALA B 255 -2.58 -1.87 7.35
N ILE B 256 -1.47 -2.47 7.78
CA ILE B 256 -0.51 -1.72 8.59
C ILE B 256 0.13 -0.61 7.75
N SER B 257 0.40 -0.88 6.48
CA SER B 257 0.93 0.11 5.57
C SER B 257 -0.06 1.27 5.35
N TYR B 258 -1.37 0.99 5.33
CA TYR B 258 -2.35 2.07 5.19
C TYR B 258 -2.30 2.92 6.44
N LEU B 259 -2.24 2.29 7.60
CA LEU B 259 -2.32 3.03 8.83
C LEU B 259 -1.07 3.92 9.03
N THR B 260 0.07 3.53 8.46
CA THR B 260 1.33 4.28 8.59
C THR B 260 1.53 5.29 7.46
N ASP B 261 0.59 5.31 6.52
CA ASP B 261 0.63 6.24 5.40
C ASP B 261 -0.08 7.52 5.85
N GLY B 262 0.59 8.36 6.65
CA GLY B 262 -0.07 9.56 7.18
C GLY B 262 0.86 10.34 8.09
N PRO B 263 0.31 11.29 8.88
CA PRO B 263 1.13 12.13 9.78
C PRO B 263 1.84 11.29 10.86
N ASN B 264 2.83 11.88 11.54
CA ASN B 264 3.62 11.15 12.54
C ASN B 264 2.79 10.53 13.64
N GLU B 265 1.68 11.17 14.00
CA GLU B 265 0.78 10.66 15.03
C GLU B 265 0.15 9.32 14.61
N ARG B 266 -0.17 9.21 13.33
CA ARG B 266 -0.72 7.96 12.81
C ARG B 266 0.36 6.89 12.83
N ILE B 267 1.57 7.24 12.39
CA ILE B 267 2.69 6.30 12.45
C ILE B 267 2.94 5.83 13.88
N GLU B 268 2.87 6.79 14.81
CA GLU B 268 3.15 6.53 16.21
C GLU B 268 2.19 5.52 16.78
N MET B 269 0.90 5.65 16.43
CA MET B 269 -0.09 4.68 16.91
C MET B 269 0.29 3.25 16.60
N VAL B 270 0.87 3.06 15.42
CA VAL B 270 1.26 1.72 15.00
C VAL B 270 2.56 1.28 15.67
N VAL B 271 3.56 2.16 15.59
CA VAL B 271 4.87 1.84 16.14
C VAL B 271 4.78 1.52 17.64
N LYS B 272 3.89 2.22 18.35
CA LYS B 272 3.71 2.03 19.79
C LYS B 272 3.20 0.63 20.12
N LYS B 273 2.53 0.00 19.14
CA LYS B 273 2.03 -1.37 19.31
C LYS B 273 3.12 -2.44 19.20
N GLY B 274 4.34 -2.00 18.92
CA GLY B 274 5.50 -2.88 18.90
C GLY B 274 5.57 -3.80 17.68
N VAL B 275 4.96 -3.40 16.57
CA VAL B 275 4.93 -4.28 15.39
C VAL B 275 6.17 -4.20 14.51
N VAL B 276 7.05 -3.22 14.72
CA VAL B 276 8.19 -3.03 13.81
C VAL B 276 9.09 -4.30 13.67
N PRO B 277 9.44 -4.97 14.79
CA PRO B 277 10.22 -6.21 14.61
C PRO B 277 9.52 -7.24 13.71
N GLN B 278 8.20 -7.37 13.88
CA GLN B 278 7.46 -8.31 13.05
C GLN B 278 7.49 -7.84 11.61
N LEU B 279 7.36 -6.52 11.39
CA LEU B 279 7.45 -6.03 10.02
C LEU B 279 8.81 -6.34 9.36
N VAL B 280 9.89 -6.18 10.12
CA VAL B 280 11.25 -6.46 9.61
C VAL B 280 11.41 -7.96 9.30
N LYS B 281 10.84 -8.77 10.16
CA LYS B 281 10.80 -10.19 9.89
C LYS B 281 10.09 -10.47 8.59
N LEU B 282 8.93 -9.83 8.38
CA LEU B 282 8.21 -10.09 7.15
C LEU B 282 8.96 -9.49 5.98
N LEU B 283 9.75 -8.44 6.25
CA LEU B 283 10.61 -7.87 5.24
C LEU B 283 11.55 -8.88 4.69
N GLY B 284 11.89 -9.85 5.53
CA GLY B 284 12.80 -10.89 5.10
C GLY B 284 12.16 -12.14 4.54
N ALA B 285 10.84 -12.14 4.33
CA ALA B 285 10.14 -13.34 3.83
C ALA B 285 10.55 -13.71 2.41
N THR B 286 10.33 -14.97 2.04
CA THR B 286 10.69 -15.37 0.68
C THR B 286 9.53 -15.06 -0.25
N GLU B 287 8.33 -14.98 0.33
CA GLU B 287 7.11 -14.70 -0.44
C GLU B 287 7.01 -13.20 -0.77
N LEU B 288 7.12 -12.88 -2.05
CA LEU B 288 6.98 -11.52 -2.54
C LEU B 288 5.66 -10.78 -2.12
N PRO B 289 4.49 -11.49 -2.11
CA PRO B 289 3.25 -10.81 -1.69
C PRO B 289 3.29 -10.38 -0.21
N ILE B 290 4.24 -10.91 0.53
CA ILE B 290 4.47 -10.53 1.91
C ILE B 290 5.52 -9.44 1.96
N VAL B 291 6.63 -9.62 1.26
CA VAL B 291 7.69 -8.61 1.30
C VAL B 291 7.22 -7.24 0.85
N THR B 292 6.43 -7.22 -0.21
CA THR B 292 5.97 -5.97 -0.79
C THR B 292 5.26 -5.03 0.26
N PRO B 293 4.21 -5.52 0.95
CA PRO B 293 3.58 -4.64 1.93
C PRO B 293 4.44 -4.38 3.18
N ALA B 294 5.25 -5.36 3.59
CA ALA B 294 6.16 -5.14 4.71
C ALA B 294 7.08 -3.96 4.37
N LEU B 295 7.58 -3.95 3.13
CA LEU B 295 8.47 -2.88 2.68
C LEU B 295 7.76 -1.54 2.56
N ARG B 296 6.52 -1.57 2.11
CA ARG B 296 5.75 -0.33 2.01
C ARG B 296 5.52 0.27 3.41
N ALA B 297 5.18 -0.59 4.37
CA ALA B 297 4.96 -0.19 5.74
C ALA B 297 6.20 0.41 6.36
N ILE B 298 7.31 -0.30 6.21
CA ILE B 298 8.57 0.18 6.73
C ILE B 298 8.95 1.55 6.10
N GLY B 299 8.76 1.68 4.78
CA GLY B 299 9.05 2.93 4.10
C GLY B 299 8.21 4.09 4.63
N ASN B 300 6.94 3.80 4.87
CA ASN B 300 6.04 4.79 5.44
C ASN B 300 6.51 5.19 6.82
N ILE B 301 6.90 4.19 7.60
CA ILE B 301 7.33 4.48 8.97
C ILE B 301 8.57 5.39 8.97
N VAL B 302 9.51 5.18 8.03
CA VAL B 302 10.72 6.03 8.08
C VAL B 302 10.47 7.38 7.45
N THR B 303 9.24 7.66 7.00
CA THR B 303 8.93 9.06 6.66
C THR B 303 8.54 9.84 7.93
N GLY B 304 8.50 9.16 9.08
CA GLY B 304 8.11 9.79 10.33
C GLY B 304 9.29 10.47 10.99
N THR B 305 9.33 10.49 12.32
CA THR B 305 10.41 11.15 13.05
C THR B 305 11.69 10.34 13.02
N ASP B 306 12.80 10.95 13.43
CA ASP B 306 14.07 10.24 13.54
C ASP B 306 13.98 9.07 14.50
N GLU B 307 13.24 9.26 15.59
CA GLU B 307 13.06 8.21 16.58
C GLU B 307 12.28 7.00 16.02
N GLN B 308 11.23 7.27 15.23
CA GLN B 308 10.46 6.19 14.61
C GLN B 308 11.35 5.41 13.61
N THR B 309 12.18 6.16 12.88
CA THR B 309 13.13 5.55 11.94
C THR B 309 14.13 4.71 12.69
N GLN B 310 14.56 5.22 13.84
CA GLN B 310 15.52 4.49 14.66
C GLN B 310 14.93 3.19 15.10
N LYS B 311 13.63 3.14 15.32
CA LYS B 311 13.03 1.87 15.74
C LYS B 311 13.13 0.89 14.56
N VAL B 312 12.99 1.40 13.33
CA VAL B 312 13.21 0.52 12.18
C VAL B 312 14.65 -0.04 12.11
N ILE B 313 15.63 0.84 12.31
CA ILE B 313 17.03 0.41 12.30
C ILE B 313 17.35 -0.57 13.43
N ASP B 314 16.90 -0.27 14.64
CA ASP B 314 17.15 -1.11 15.81
C ASP B 314 16.63 -2.54 15.60
N ALA B 315 15.58 -2.67 14.80
CA ALA B 315 14.96 -3.97 14.63
C ALA B 315 15.68 -4.80 13.56
N GLY B 316 16.72 -4.21 12.96
CA GLY B 316 17.58 -4.94 12.03
C GLY B 316 17.20 -4.81 10.56
N ALA B 317 16.37 -3.83 10.21
CA ALA B 317 15.90 -3.73 8.83
C ALA B 317 17.02 -3.56 7.79
N LEU B 318 18.08 -2.84 8.17
CA LEU B 318 19.12 -2.51 7.17
C LEU B 318 19.83 -3.73 6.60
N ALA B 319 19.87 -4.81 7.38
CA ALA B 319 20.55 -6.03 6.96
C ALA B 319 19.83 -6.67 5.79
N VAL B 320 18.58 -6.28 5.56
CA VAL B 320 17.81 -6.86 4.46
C VAL B 320 18.04 -6.11 3.15
N PHE B 321 18.58 -4.91 3.25
CA PHE B 321 18.65 -4.07 2.05
C PHE B 321 19.64 -4.51 0.97
N PRO B 322 20.72 -5.25 1.31
CA PRO B 322 21.51 -5.73 0.15
C PRO B 322 20.63 -6.51 -0.85
N SER B 323 19.71 -7.33 -0.37
CA SER B 323 18.84 -8.09 -1.27
C SER B 323 17.75 -7.20 -1.90
N LEU B 324 17.18 -6.32 -1.07
CA LEU B 324 16.09 -5.48 -1.55
C LEU B 324 16.61 -4.56 -2.63
N LEU B 325 17.82 -4.03 -2.45
CA LEU B 325 18.35 -3.07 -3.43
C LEU B 325 18.86 -3.78 -4.68
N THR B 326 18.88 -5.12 -4.67
CA THR B 326 19.19 -5.85 -5.92
C THR B 326 18.06 -6.77 -6.37
N ASN B 327 16.89 -6.60 -5.77
CA ASN B 327 15.77 -7.47 -6.02
C ASN B 327 15.36 -7.41 -7.48
N PRO B 328 15.12 -8.56 -8.11
CA PRO B 328 14.75 -8.55 -9.53
C PRO B 328 13.38 -7.90 -9.80
N LYS B 329 12.53 -7.73 -8.78
CA LYS B 329 11.29 -7.00 -8.98
C LYS B 329 11.48 -5.51 -8.84
N THR B 330 11.28 -4.83 -9.96
CA THR B 330 11.51 -3.38 -10.09
C THR B 330 10.84 -2.58 -8.99
N ASN B 331 9.56 -2.85 -8.70
CA ASN B 331 8.89 -2.10 -7.63
C ASN B 331 9.55 -2.32 -6.25
N ILE B 332 10.08 -3.51 -6.00
CA ILE B 332 10.77 -3.75 -4.71
C ILE B 332 12.04 -2.89 -4.62
N GLN B 333 12.81 -2.89 -5.70
CA GLN B 333 14.01 -2.06 -5.78
C GLN B 333 13.70 -0.57 -5.63
N LYS B 334 12.64 -0.11 -6.30
CA LYS B 334 12.27 1.29 -6.23
C LYS B 334 11.84 1.68 -4.83
N GLU B 335 10.97 0.86 -4.23
CA GLU B 335 10.51 1.16 -2.89
C GLU B 335 11.61 1.04 -1.82
N ALA B 336 12.54 0.10 -2.02
CA ALA B 336 13.65 -0.06 -1.09
C ALA B 336 14.56 1.16 -1.21
N THR B 337 14.72 1.66 -2.43
CA THR B 337 15.59 2.82 -2.61
C THR B 337 14.95 4.09 -2.01
N TRP B 338 13.64 4.23 -2.19
CA TRP B 338 12.86 5.30 -1.61
C TRP B 338 13.03 5.29 -0.08
N THR B 339 12.85 4.09 0.48
CA THR B 339 13.05 3.89 1.90
C THR B 339 14.44 4.34 2.36
N MET B 340 15.48 3.96 1.60
CA MET B 340 16.84 4.37 1.92
C MET B 340 16.94 5.88 1.90
N SER B 341 16.28 6.55 0.95
CA SER B 341 16.37 8.01 0.84
C SER B 341 15.80 8.69 2.06
N ASN B 342 14.79 8.06 2.64
CA ASN B 342 14.21 8.63 3.86
C ASN B 342 15.04 8.32 5.08
N ILE B 343 15.78 7.23 5.06
CA ILE B 343 16.71 6.97 6.16
C ILE B 343 17.96 7.91 6.06
N THR B 344 18.46 8.17 4.84
CA THR B 344 19.61 9.06 4.70
C THR B 344 19.29 10.53 4.90
N ALA B 345 18.00 10.86 5.00
CA ALA B 345 17.59 12.21 5.34
C ALA B 345 17.58 12.39 6.85
N GLY B 346 18.04 11.36 7.57
CA GLY B 346 18.05 11.35 9.03
C GLY B 346 19.31 11.88 9.67
N ARG B 347 19.54 11.50 10.92
CA ARG B 347 20.69 11.98 11.69
C ARG B 347 21.98 11.33 11.21
N GLN B 348 23.09 11.95 11.57
CA GLN B 348 24.39 11.48 11.17
C GLN B 348 24.67 10.08 11.71
N ASP B 349 24.20 9.76 12.92
CA ASP B 349 24.38 8.41 13.44
C ASP B 349 23.55 7.38 12.63
N GLN B 350 22.47 7.84 12.02
CA GLN B 350 21.65 6.95 11.17
C GLN B 350 22.32 6.79 9.79
N ILE B 351 22.85 7.88 9.24
CA ILE B 351 23.66 7.78 8.03
C ILE B 351 24.85 6.83 8.28
N GLN B 352 25.43 6.90 9.48
CA GLN B 352 26.55 6.04 9.87
C GLN B 352 26.10 4.60 9.90
N GLN B 353 24.85 4.37 10.29
CA GLN B 353 24.31 3.01 10.30
C GLN B 353 24.20 2.47 8.88
N VAL B 354 23.78 3.33 7.95
CA VAL B 354 23.76 2.97 6.53
C VAL B 354 25.15 2.56 6.04
N VAL B 355 26.15 3.36 6.39
CA VAL B 355 27.54 3.06 6.06
C VAL B 355 27.97 1.72 6.61
N ASN B 356 27.76 1.49 7.90
CA ASN B 356 28.25 0.29 8.57
C ASN B 356 27.68 -0.98 7.95
N HIS B 357 26.42 -0.90 7.52
CA HIS B 357 25.77 -2.04 6.91
C HIS B 357 26.19 -2.30 5.47
N GLY B 358 27.12 -1.47 4.97
CA GLY B 358 27.68 -1.61 3.64
C GLY B 358 26.72 -1.24 2.53
N LEU B 359 25.79 -0.32 2.83
CA LEU B 359 24.73 -0.04 1.88
C LEU B 359 25.08 1.06 0.89
N VAL B 360 26.18 1.78 1.14
CA VAL B 360 26.54 2.81 0.17
C VAL B 360 26.97 2.18 -1.19
N PRO B 361 27.76 1.08 -1.19
CA PRO B 361 28.01 0.47 -2.51
C PRO B 361 26.73 0.06 -3.23
N PHE B 362 25.70 -0.37 -2.49
CA PHE B 362 24.44 -0.74 -3.12
C PHE B 362 23.74 0.49 -3.69
N LEU B 363 23.85 1.62 -2.99
CA LEU B 363 23.30 2.87 -3.57
C LEU B 363 24.07 3.27 -4.84
N VAL B 364 25.38 3.10 -4.83
CA VAL B 364 26.15 3.36 -6.06
C VAL B 364 25.65 2.42 -7.18
N GLY B 365 25.41 1.15 -6.86
CA GLY B 365 24.85 0.19 -7.81
C GLY B 365 23.53 0.61 -8.44
N VAL B 366 22.57 0.94 -7.59
CA VAL B 366 21.27 1.36 -8.10
C VAL B 366 21.39 2.64 -8.92
N LEU B 367 22.24 3.56 -8.48
CA LEU B 367 22.45 4.78 -9.25
C LEU B 367 23.09 4.46 -10.62
N SER B 368 23.94 3.44 -10.66
CA SER B 368 24.64 3.06 -11.91
C SER B 368 23.75 2.38 -12.92
N LYS B 369 22.90 1.49 -12.41
CA LYS B 369 22.04 0.71 -13.28
C LYS B 369 20.78 0.29 -12.55
N ALA B 370 19.63 0.74 -13.06
CA ALA B 370 18.35 0.42 -12.47
C ALA B 370 17.27 1.03 -13.35
N ASP B 371 16.04 0.60 -13.17
CA ASP B 371 14.93 1.31 -13.81
C ASP B 371 15.09 2.80 -13.45
N PHE B 372 14.69 3.70 -14.35
CA PHE B 372 14.93 5.13 -14.14
C PHE B 372 14.31 5.69 -12.85
N LYS B 373 13.08 5.29 -12.54
CA LYS B 373 12.43 5.77 -11.31
C LYS B 373 13.16 5.38 -10.02
N THR B 374 13.82 4.22 -10.08
CA THR B 374 14.62 3.73 -8.97
C THR B 374 15.86 4.62 -8.91
N GLN B 375 16.42 4.94 -10.08
CA GLN B 375 17.58 5.82 -10.14
C GLN B 375 17.28 7.21 -9.57
N LYS B 376 16.05 7.67 -9.79
CA LYS B 376 15.61 8.97 -9.28
C LYS B 376 15.56 8.93 -7.75
N GLU B 377 15.02 7.83 -7.22
CA GLU B 377 15.00 7.68 -5.77
C GLU B 377 16.44 7.59 -5.22
N ALA B 378 17.34 6.94 -5.95
CA ALA B 378 18.75 6.86 -5.52
C ALA B 378 19.39 8.25 -5.46
N ALA B 379 19.12 9.04 -6.49
CA ALA B 379 19.62 10.40 -6.57
C ALA B 379 19.15 11.14 -5.32
N TRP B 380 17.87 10.97 -4.96
CA TRP B 380 17.36 11.56 -3.72
C TRP B 380 18.07 11.07 -2.47
N ALA B 381 18.32 9.76 -2.39
CA ALA B 381 19.03 9.19 -1.26
C ALA B 381 20.42 9.85 -1.10
N ILE B 382 21.07 10.07 -2.24
CA ILE B 382 22.40 10.68 -2.25
C ILE B 382 22.33 12.18 -1.85
N THR B 383 21.38 12.92 -2.38
CA THR B 383 21.27 14.32 -1.98
C THR B 383 20.98 14.43 -0.50
N ASN B 384 20.11 13.56 0.03
CA ASN B 384 19.83 13.61 1.47
C ASN B 384 21.05 13.26 2.31
N TYR B 385 21.75 12.21 1.90
CA TYR B 385 22.99 11.81 2.53
C TYR B 385 24.01 12.96 2.56
N THR B 386 24.26 13.58 1.41
CA THR B 386 25.24 14.67 1.34
C THR B 386 24.79 15.91 2.08
N SER B 387 23.47 16.07 2.21
CA SER B 387 22.90 17.20 2.93
C SER B 387 23.16 17.05 4.43
N GLY B 388 22.90 15.86 4.96
CA GLY B 388 23.00 15.68 6.39
C GLY B 388 24.27 15.06 6.91
N GLY B 389 25.11 14.58 6.01
CA GLY B 389 26.29 13.82 6.39
C GLY B 389 27.48 14.61 6.92
N THR B 390 28.36 13.94 7.66
CA THR B 390 29.61 14.55 8.09
C THR B 390 30.53 14.59 6.88
N VAL B 391 31.61 15.36 6.97
CA VAL B 391 32.62 15.42 5.91
C VAL B 391 33.16 14.02 5.58
N GLU B 392 33.46 13.24 6.62
CA GLU B 392 34.01 11.91 6.46
C GLU B 392 33.02 10.96 5.76
N GLN B 393 31.73 11.11 6.05
CA GLN B 393 30.71 10.29 5.42
C GLN B 393 30.62 10.65 3.94
N ILE B 394 30.73 11.94 3.63
CA ILE B 394 30.66 12.39 2.23
C ILE B 394 31.91 11.91 1.44
N VAL B 395 33.08 12.05 2.07
CA VAL B 395 34.32 11.54 1.50
C VAL B 395 34.18 10.04 1.20
N TYR B 396 33.63 9.30 2.17
CA TYR B 396 33.41 7.86 2.00
C TYR B 396 32.55 7.59 0.77
N LEU B 397 31.51 8.43 0.60
CA LEU B 397 30.63 8.33 -0.55
C LEU B 397 31.40 8.41 -1.85
N VAL B 398 32.28 9.41 -1.92
CA VAL B 398 33.07 9.59 -3.13
C VAL B 398 34.04 8.41 -3.35
N HIS B 399 34.67 7.94 -2.28
CA HIS B 399 35.56 6.79 -2.36
C HIS B 399 34.81 5.53 -2.88
N CYS B 400 33.51 5.44 -2.62
CA CYS B 400 32.72 4.30 -3.10
C CYS B 400 32.35 4.38 -4.57
N GLY B 401 32.61 5.52 -5.20
CA GLY B 401 32.41 5.69 -6.62
C GLY B 401 31.14 6.39 -7.04
N ILE B 402 30.61 7.29 -6.21
CA ILE B 402 29.31 7.88 -6.51
C ILE B 402 29.34 8.87 -7.69
N ILE B 403 30.51 9.47 -7.92
CA ILE B 403 30.62 10.58 -8.85
C ILE B 403 30.26 10.21 -10.27
N GLU B 404 30.88 9.15 -10.80
CA GLU B 404 30.61 8.80 -12.20
C GLU B 404 29.11 8.50 -12.48
N PRO B 405 28.45 7.61 -11.73
CA PRO B 405 27.03 7.40 -12.05
C PRO B 405 26.15 8.65 -11.83
N LEU B 406 26.55 9.49 -10.89
CA LEU B 406 25.80 10.72 -10.66
C LEU B 406 25.92 11.63 -11.88
N MET B 407 27.13 11.75 -12.42
CA MET B 407 27.36 12.55 -13.62
C MET B 407 26.62 11.96 -14.81
N ASN B 408 26.66 10.64 -14.95
CA ASN B 408 26.00 10.00 -16.09
C ASN B 408 24.53 10.30 -16.09
N LEU B 409 23.94 10.46 -14.90
CA LEU B 409 22.50 10.74 -14.86
C LEU B 409 22.16 12.19 -15.21
N LEU B 410 23.17 13.03 -15.36
CA LEU B 410 22.90 14.43 -15.71
C LEU B 410 22.44 14.58 -17.16
N SER B 411 22.53 13.51 -17.94
CA SER B 411 22.06 13.55 -19.32
C SER B 411 20.57 13.25 -19.44
N ALA B 412 19.94 12.91 -18.32
CA ALA B 412 18.51 12.60 -18.29
C ALA B 412 17.57 13.77 -18.63
N LYS B 413 16.48 13.44 -19.31
CA LYS B 413 15.45 14.42 -19.72
C LYS B 413 14.52 14.85 -18.58
N ASP B 414 14.94 14.62 -17.34
CA ASP B 414 14.11 14.97 -16.19
C ASP B 414 14.71 16.14 -15.44
N THR B 415 13.98 17.24 -15.40
CA THR B 415 14.48 18.44 -14.75
C THR B 415 14.67 18.31 -13.24
N LYS B 416 13.78 17.56 -12.59
CA LYS B 416 13.84 17.47 -11.14
C LYS B 416 15.07 16.66 -10.69
N ILE B 417 15.36 15.55 -11.38
CA ILE B 417 16.51 14.75 -11.01
C ILE B 417 17.79 15.55 -11.27
N ILE B 418 17.75 16.42 -12.26
CA ILE B 418 18.89 17.27 -12.56
C ILE B 418 19.13 18.22 -11.42
N GLN B 419 18.05 18.80 -10.91
CA GLN B 419 18.15 19.66 -9.75
C GLN B 419 18.72 18.92 -8.54
N VAL B 420 18.19 17.72 -8.30
CA VAL B 420 18.63 16.90 -7.17
C VAL B 420 20.14 16.58 -7.27
N ILE B 421 20.58 16.18 -8.46
CA ILE B 421 21.99 15.84 -8.64
C ILE B 421 22.90 17.05 -8.49
N LEU B 422 22.51 18.18 -9.06
CA LEU B 422 23.31 19.40 -8.94
C LEU B 422 23.41 19.81 -7.47
N ASP B 423 22.33 19.61 -6.75
CA ASP B 423 22.32 19.85 -5.31
C ASP B 423 23.32 18.94 -4.59
N ALA B 424 23.33 17.67 -5.01
CA ALA B 424 24.25 16.70 -4.40
C ALA B 424 25.70 17.10 -4.66
N ILE B 425 25.99 17.44 -5.91
CA ILE B 425 27.33 17.85 -6.33
C ILE B 425 27.77 19.09 -5.56
N SER B 426 26.83 20.01 -5.33
CA SER B 426 27.12 21.19 -4.54
C SER B 426 27.51 20.82 -3.13
N ASN B 427 26.75 19.91 -2.53
CA ASN B 427 27.05 19.46 -1.18
C ASN B 427 28.43 18.80 -1.07
N ILE B 428 28.74 17.97 -2.06
CA ILE B 428 30.03 17.29 -2.09
C ILE B 428 31.17 18.30 -2.26
N PHE B 429 30.98 19.28 -3.12
CA PHE B 429 31.99 20.32 -3.30
C PHE B 429 32.19 21.06 -2.00
N GLN B 430 31.10 21.33 -1.28
CA GLN B 430 31.20 22.00 0.01
C GLN B 430 32.11 21.20 0.95
N ALA B 431 31.91 19.88 1.02
CA ALA B 431 32.79 19.05 1.84
C ALA B 431 34.27 19.15 1.37
N ALA B 432 34.47 19.14 0.05
CA ALA B 432 35.82 19.24 -0.49
C ALA B 432 36.46 20.58 -0.09
N GLU B 433 35.65 21.65 -0.14
CA GLU B 433 36.08 22.98 0.28
C GLU B 433 36.55 22.90 1.72
N LYS B 434 35.87 22.08 2.51
CA LYS B 434 36.22 22.00 3.91
C LYS B 434 37.45 21.12 4.07
N LEU B 435 37.93 20.54 2.97
CA LEU B 435 39.18 19.77 3.00
C LEU B 435 40.24 20.34 2.05
N GLY B 436 39.91 21.44 1.39
CA GLY B 436 40.78 22.06 0.40
C GLY B 436 41.05 21.16 -0.79
N GLU B 437 40.07 20.32 -1.12
CA GLU B 437 40.26 19.29 -2.14
C GLU B 437 39.37 19.50 -3.34
N THR B 438 38.83 20.71 -3.50
CA THR B 438 37.90 20.97 -4.60
C THR B 438 38.56 20.69 -5.94
N GLU B 439 39.84 21.04 -6.06
CA GLU B 439 40.59 20.80 -7.29
C GLU B 439 40.47 19.33 -7.69
N LYS B 440 40.78 18.45 -6.74
CA LYS B 440 40.80 17.02 -6.95
C LYS B 440 39.41 16.46 -7.33
N LEU B 441 38.37 17.09 -6.78
CA LEU B 441 37.02 16.74 -7.15
C LEU B 441 36.69 17.21 -8.58
N SER B 442 37.08 18.44 -8.87
CA SER B 442 36.91 19.04 -10.19
C SER B 442 37.51 18.16 -11.25
N ILE B 443 38.71 17.67 -10.97
CA ILE B 443 39.43 16.81 -11.89
C ILE B 443 38.67 15.50 -12.05
N MET B 444 38.20 14.95 -10.93
CA MET B 444 37.41 13.72 -10.98
C MET B 444 36.19 13.88 -11.91
N ILE B 445 35.46 14.98 -11.73
CA ILE B 445 34.26 15.26 -12.49
C ILE B 445 34.57 15.51 -13.97
N GLU B 446 35.71 16.13 -14.23
CA GLU B 446 36.08 16.42 -15.61
C GLU B 446 36.51 15.16 -16.35
N GLU B 447 37.17 14.24 -15.63
CA GLU B 447 37.70 13.02 -16.26
C GLU B 447 36.62 12.04 -16.71
N CYS B 448 35.46 12.07 -16.06
CA CYS B 448 34.41 11.12 -16.42
C CYS B 448 33.35 11.77 -17.31
N GLY B 449 33.64 13.00 -17.77
CA GLY B 449 32.74 13.69 -18.68
C GLY B 449 31.64 14.48 -18.00
N GLY B 450 31.79 14.68 -16.70
CA GLY B 450 30.80 15.41 -15.91
C GLY B 450 30.78 16.89 -16.24
N LEU B 451 31.98 17.46 -16.41
CA LEU B 451 32.10 18.88 -16.71
C LEU B 451 31.41 19.28 -18.00
N ASP B 452 31.46 18.41 -19.00
CA ASP B 452 30.77 18.67 -20.26
C ASP B 452 29.27 18.83 -20.02
N LYS B 453 28.73 17.93 -19.22
CA LYS B 453 27.31 17.94 -18.94
C LYS B 453 26.90 19.16 -18.12
N ILE B 454 27.67 19.50 -17.09
CA ILE B 454 27.36 20.67 -16.29
C ILE B 454 27.44 21.95 -17.12
N GLU B 455 28.45 22.03 -17.97
CA GLU B 455 28.64 23.17 -18.85
C GLU B 455 27.43 23.31 -19.77
N ALA B 456 26.99 22.18 -20.31
CA ALA B 456 25.83 22.15 -21.20
C ALA B 456 24.56 22.58 -20.47
N LEU B 457 24.45 22.24 -19.20
CA LEU B 457 23.25 22.57 -18.41
C LEU B 457 23.03 24.07 -18.24
N GLN B 458 24.04 24.87 -18.55
CA GLN B 458 23.87 26.32 -18.53
C GLN B 458 22.89 26.82 -19.60
N ARG B 459 22.73 26.05 -20.67
CA ARG B 459 21.80 26.37 -21.75
C ARG B 459 20.42 25.71 -21.54
N HIS B 460 20.29 25.02 -20.41
CA HIS B 460 19.04 24.35 -20.04
C HIS B 460 17.96 25.38 -19.78
N GLU B 461 16.74 25.10 -20.21
CA GLU B 461 15.67 26.08 -20.12
C GLU B 461 15.16 26.33 -18.69
N ASN B 462 15.25 25.34 -17.82
CA ASN B 462 14.85 25.56 -16.43
C ASN B 462 15.78 26.50 -15.67
N GLU B 463 15.21 27.48 -14.97
CA GLU B 463 15.97 28.56 -14.32
C GLU B 463 16.95 28.06 -13.26
N SER B 464 16.42 27.37 -12.26
CA SER B 464 17.22 26.90 -11.13
C SER B 464 18.35 25.98 -11.60
N VAL B 465 18.14 25.31 -12.73
CA VAL B 465 19.17 24.44 -13.27
C VAL B 465 20.34 25.22 -13.85
N TYR B 466 20.09 26.16 -14.77
CA TYR B 466 21.20 26.91 -15.36
C TYR B 466 21.80 27.89 -14.36
N LYS B 467 21.09 28.11 -13.26
CA LYS B 467 21.65 28.90 -12.18
C LYS B 467 22.61 28.04 -11.38
N ALA B 468 22.14 26.93 -10.84
CA ALA B 468 23.01 26.09 -10.02
C ALA B 468 24.24 25.66 -10.83
N SER B 469 24.03 25.30 -12.10
CA SER B 469 25.13 24.88 -12.97
C SER B 469 26.10 26.00 -13.30
N LEU B 470 25.58 27.16 -13.70
CA LEU B 470 26.46 28.31 -13.96
C LEU B 470 27.30 28.55 -12.72
N ASN B 471 26.66 28.50 -11.56
CA ASN B 471 27.34 28.70 -10.29
C ASN B 471 28.46 27.69 -10.06
N LEU B 472 28.22 26.42 -10.39
CA LEU B 472 29.24 25.37 -10.22
C LEU B 472 30.41 25.65 -11.16
N ILE B 473 30.11 25.88 -12.43
CA ILE B 473 31.12 26.20 -13.44
C ILE B 473 31.98 27.36 -12.93
N GLU B 474 31.31 28.46 -12.61
CA GLU B 474 31.96 29.71 -12.25
C GLU B 474 32.63 29.66 -10.89
N LYS B 475 32.44 28.58 -10.14
CA LYS B 475 32.98 28.56 -8.77
C LYS B 475 34.08 27.49 -8.64
N TYR B 476 34.02 26.46 -9.48
CA TYR B 476 34.97 25.36 -9.42
C TYR B 476 35.63 24.98 -10.75
N PHE B 477 35.14 25.51 -11.85
CA PHE B 477 35.70 25.14 -13.15
C PHE B 477 36.16 26.34 -13.98
N SER B 478 36.98 27.20 -13.39
CA SER B 478 37.48 28.38 -14.11
C SER B 478 38.98 28.30 -14.37
#